data_1LTR
#
_entry.id   1LTR
#
_cell.length_a   127.230
_cell.length_b   127.230
_cell.length_c   174.190
_cell.angle_alpha   90.00
_cell.angle_beta   90.00
_cell.angle_gamma   90.00
#
_symmetry.space_group_name_H-M   'P 41 21 2'
#
loop_
_entity.id
_entity.type
_entity.pdbx_description
1 polymer 'HEAT-LABILE ENTEROTOXIN'
2 non-polymer 'SULFATE ION'
3 water water
#
_entity_poly.entity_id   1
_entity_poly.type   'polypeptide(L)'
_entity_poly.pdbx_seq_one_letter_code
;APQSITELCSEYHNTQIYTINDKILSYTESMAGKREMVIITFKSGATFQVEVPGSQHIDSQKKAIERMKDTLRITYLTET
KIDKLCVWNNKTPNSIAAISMEKLYAGAVVNDL
;
_entity_poly.pdbx_strand_id   D,E,F,G,H
#
# COMPACT_ATOMS: atom_id res chain seq x y z
N ALA A 1 -5.97 -25.82 -10.17
CA ALA A 1 -5.72 -24.41 -10.58
C ALA A 1 -4.69 -24.34 -11.70
N PRO A 2 -4.90 -23.43 -12.67
CA PRO A 2 -3.97 -23.27 -13.78
C PRO A 2 -2.60 -22.87 -13.25
N GLN A 3 -1.56 -23.24 -13.97
CA GLN A 3 -0.19 -22.91 -13.55
C GLN A 3 0.42 -21.87 -14.46
N SER A 4 -0.37 -21.38 -15.41
CA SER A 4 0.09 -20.40 -16.36
C SER A 4 -1.01 -19.42 -16.70
N ILE A 5 -0.64 -18.24 -17.16
CA ILE A 5 -1.63 -17.23 -17.54
C ILE A 5 -2.31 -17.70 -18.81
N THR A 6 -1.55 -18.43 -19.64
CA THR A 6 -2.07 -18.95 -20.89
C THR A 6 -3.08 -20.03 -20.56
N GLU A 7 -2.72 -20.92 -19.64
CA GLU A 7 -3.60 -22.01 -19.22
C GLU A 7 -4.88 -21.45 -18.61
N LEU A 8 -4.74 -20.34 -17.90
CA LEU A 8 -5.86 -19.67 -17.25
C LEU A 8 -6.80 -19.03 -18.28
N CYS A 9 -6.22 -18.41 -19.30
CA CYS A 9 -7.00 -17.75 -20.33
C CYS A 9 -7.82 -18.75 -21.11
N SER A 10 -7.29 -19.97 -21.26
CA SER A 10 -7.94 -21.06 -21.97
C SER A 10 -9.25 -21.51 -21.35
N GLU A 11 -9.46 -21.19 -20.08
CA GLU A 11 -10.68 -21.57 -19.37
C GLU A 11 -11.85 -20.62 -19.60
N TYR A 12 -11.58 -19.47 -20.21
CA TYR A 12 -12.62 -18.48 -20.44
C TYR A 12 -13.00 -18.25 -21.89
N HIS A 13 -14.22 -17.78 -22.08
CA HIS A 13 -14.72 -17.45 -23.40
C HIS A 13 -14.41 -15.99 -23.63
N ASN A 14 -14.12 -15.64 -24.87
CA ASN A 14 -13.83 -14.26 -25.23
C ASN A 14 -12.56 -13.67 -24.63
N THR A 15 -11.66 -14.54 -24.18
CA THR A 15 -10.39 -14.07 -23.65
C THR A 15 -9.35 -14.30 -24.74
N GLN A 16 -8.22 -13.64 -24.59
CA GLN A 16 -7.14 -13.72 -25.58
C GLN A 16 -5.83 -13.30 -24.92
N ILE A 17 -4.77 -14.05 -25.15
CA ILE A 17 -3.46 -13.74 -24.60
C ILE A 17 -2.73 -12.79 -25.54
N TYR A 18 -2.22 -11.70 -24.99
CA TYR A 18 -1.46 -10.77 -25.79
C TYR A 18 -0.08 -10.69 -25.20
N THR A 19 0.93 -11.02 -26.01
CA THR A 19 2.30 -10.97 -25.58
C THR A 19 2.82 -9.54 -25.69
N ILE A 20 2.78 -8.84 -24.56
CA ILE A 20 3.21 -7.44 -24.46
C ILE A 20 4.72 -7.26 -24.45
N ASN A 21 5.39 -8.02 -23.58
CA ASN A 21 6.83 -7.96 -23.42
C ASN A 21 7.37 -6.53 -23.49
N ASP A 22 6.79 -5.65 -22.69
CA ASP A 22 7.19 -4.25 -22.67
C ASP A 22 6.59 -3.60 -21.44
N LYS A 23 7.09 -2.44 -21.07
CA LYS A 23 6.57 -1.72 -19.91
C LYS A 23 5.44 -0.81 -20.35
N ILE A 24 4.59 -0.42 -19.41
CA ILE A 24 3.45 0.45 -19.71
C ILE A 24 3.87 1.83 -20.17
N LEU A 25 3.32 2.27 -21.29
CA LEU A 25 3.65 3.58 -21.83
C LEU A 25 2.86 4.65 -21.08
N SER A 26 1.56 4.44 -20.89
CA SER A 26 0.75 5.43 -20.20
C SER A 26 -0.21 4.78 -19.23
N TYR A 27 -0.43 5.47 -18.12
CA TYR A 27 -1.34 5.03 -17.07
C TYR A 27 -2.38 6.12 -16.89
N THR A 28 -3.65 5.76 -17.06
CA THR A 28 -4.73 6.70 -16.90
C THR A 28 -5.67 6.12 -15.87
N GLU A 29 -6.06 6.96 -14.92
CA GLU A 29 -6.94 6.52 -13.86
C GLU A 29 -8.05 7.54 -13.70
N SER A 30 -9.26 7.04 -13.60
CA SER A 30 -10.42 7.91 -13.46
C SER A 30 -11.25 7.57 -12.26
N MET A 31 -11.74 8.61 -11.60
CA MET A 31 -12.59 8.48 -10.43
C MET A 31 -13.92 9.16 -10.77
N ALA A 32 -14.08 9.55 -12.04
CA ALA A 32 -15.30 10.20 -12.50
C ALA A 32 -16.45 9.21 -12.38
N GLY A 33 -17.58 9.69 -11.89
CA GLY A 33 -18.75 8.83 -11.72
C GLY A 33 -19.11 7.98 -12.92
N LYS A 34 -19.31 6.68 -12.66
CA LYS A 34 -19.67 5.67 -13.68
C LYS A 34 -18.53 5.31 -14.63
N ARG A 35 -17.37 5.94 -14.42
CA ARG A 35 -16.18 5.70 -15.23
C ARG A 35 -14.96 5.50 -14.34
N GLU A 36 -15.17 4.84 -13.20
CA GLU A 36 -14.10 4.56 -12.26
C GLU A 36 -13.29 3.40 -12.85
N MET A 37 -12.30 3.73 -13.66
CA MET A 37 -11.51 2.70 -14.34
C MET A 37 -10.06 3.11 -14.50
N VAL A 38 -9.28 2.20 -15.06
CA VAL A 38 -7.87 2.43 -15.31
C VAL A 38 -7.62 2.00 -16.76
N ILE A 39 -6.87 2.82 -17.49
CA ILE A 39 -6.55 2.52 -18.87
C ILE A 39 -5.04 2.56 -19.00
N ILE A 40 -4.46 1.53 -19.62
CA ILE A 40 -3.03 1.49 -19.84
C ILE A 40 -2.79 1.27 -21.33
N THR A 41 -1.75 1.89 -21.87
CA THR A 41 -1.40 1.73 -23.28
C THR A 41 0.08 1.42 -23.37
N PHE A 42 0.48 0.78 -24.47
CA PHE A 42 1.87 0.43 -24.72
C PHE A 42 2.29 1.11 -26.01
N LYS A 43 3.59 1.25 -26.25
CA LYS A 43 4.05 1.92 -27.45
C LYS A 43 3.63 1.17 -28.72
N SER A 44 3.19 -0.09 -28.54
CA SER A 44 2.73 -0.93 -29.63
C SER A 44 1.37 -0.41 -30.13
N GLY A 45 0.79 0.51 -29.37
CA GLY A 45 -0.50 1.06 -29.72
C GLY A 45 -1.61 0.39 -28.92
N ALA A 46 -1.30 -0.80 -28.41
CA ALA A 46 -2.27 -1.56 -27.64
C ALA A 46 -2.81 -0.79 -26.45
N THR A 47 -4.12 -0.83 -26.26
CA THR A 47 -4.77 -0.15 -25.17
C THR A 47 -5.68 -1.12 -24.41
N PHE A 48 -5.56 -1.12 -23.09
CA PHE A 48 -6.34 -2.01 -22.26
C PHE A 48 -6.98 -1.26 -21.11
N GLN A 49 -7.94 -1.89 -20.45
CA GLN A 49 -8.63 -1.27 -19.34
C GLN A 49 -8.95 -2.28 -18.27
N VAL A 50 -9.24 -1.77 -17.07
CA VAL A 50 -9.66 -2.59 -15.95
C VAL A 50 -11.03 -1.93 -15.83
N GLU A 51 -12.02 -2.55 -16.44
CA GLU A 51 -13.36 -1.99 -16.49
C GLU A 51 -14.05 -1.69 -15.18
N VAL A 52 -14.93 -0.69 -15.25
CA VAL A 52 -15.72 -0.23 -14.11
C VAL A 52 -16.47 -1.42 -13.51
N PRO A 53 -16.35 -1.61 -12.19
CA PRO A 53 -17.03 -2.72 -11.51
C PRO A 53 -18.53 -2.66 -11.71
N GLY A 54 -19.14 -3.81 -11.97
CA GLY A 54 -20.57 -3.86 -12.19
C GLY A 54 -21.16 -5.25 -12.06
N SER A 55 -22.21 -5.52 -12.83
CA SER A 55 -22.91 -6.82 -12.83
C SER A 55 -22.13 -7.94 -13.50
N GLN A 56 -21.11 -7.57 -14.30
CA GLN A 56 -20.29 -8.55 -15.02
C GLN A 56 -19.36 -9.27 -14.06
N HIS A 57 -19.23 -8.70 -12.86
CA HIS A 57 -18.35 -9.23 -11.83
C HIS A 57 -19.09 -9.86 -10.66
N ILE A 58 -18.46 -10.86 -10.07
CA ILE A 58 -19.02 -11.52 -8.89
C ILE A 58 -18.36 -10.86 -7.68
N ASP A 59 -18.79 -11.22 -6.47
CA ASP A 59 -18.23 -10.64 -5.25
C ASP A 59 -16.74 -10.84 -5.05
N SER A 60 -16.27 -12.07 -5.24
CA SER A 60 -14.85 -12.38 -5.08
C SER A 60 -13.98 -11.55 -6.01
N GLN A 61 -14.58 -11.10 -7.11
CA GLN A 61 -13.89 -10.29 -8.10
C GLN A 61 -13.70 -8.83 -7.69
N LYS A 62 -14.42 -8.39 -6.67
CA LYS A 62 -14.36 -7.01 -6.20
C LYS A 62 -12.95 -6.60 -5.75
N LYS A 63 -12.34 -7.44 -4.91
CA LYS A 63 -10.98 -7.18 -4.41
C LYS A 63 -9.95 -7.40 -5.51
N ALA A 64 -10.19 -8.39 -6.35
CA ALA A 64 -9.29 -8.70 -7.44
C ALA A 64 -9.14 -7.54 -8.41
N ILE A 65 -10.25 -6.85 -8.66
CA ILE A 65 -10.26 -5.70 -9.57
C ILE A 65 -9.42 -4.59 -8.98
N GLU A 66 -9.62 -4.32 -7.69
CA GLU A 66 -8.86 -3.28 -7.01
C GLU A 66 -7.37 -3.63 -7.01
N ARG A 67 -7.08 -4.90 -6.77
CA ARG A 67 -5.71 -5.37 -6.77
C ARG A 67 -5.09 -5.20 -8.15
N MET A 68 -5.87 -5.49 -9.20
CA MET A 68 -5.37 -5.38 -10.56
C MET A 68 -5.00 -3.95 -10.87
N LYS A 69 -5.82 -3.03 -10.38
CA LYS A 69 -5.56 -1.62 -10.60
C LYS A 69 -4.36 -1.17 -9.77
N ASP A 70 -4.16 -1.80 -8.61
CA ASP A 70 -3.02 -1.46 -7.74
C ASP A 70 -1.75 -1.93 -8.46
N THR A 71 -1.83 -3.11 -9.06
CA THR A 71 -0.71 -3.72 -9.76
C THR A 71 -0.29 -2.92 -10.98
N LEU A 72 -1.26 -2.45 -11.75
CA LEU A 72 -0.95 -1.69 -12.95
C LEU A 72 -0.26 -0.38 -12.60
N ARG A 73 -0.72 0.26 -11.52
CA ARG A 73 -0.12 1.53 -11.09
C ARG A 73 1.33 1.35 -10.64
N ILE A 74 1.57 0.36 -9.78
CA ILE A 74 2.92 0.12 -9.27
C ILE A 74 3.84 -0.39 -10.39
N THR A 75 3.28 -1.15 -11.32
CA THR A 75 4.06 -1.65 -12.45
C THR A 75 4.48 -0.47 -13.31
N TYR A 76 3.54 0.44 -13.56
CA TYR A 76 3.82 1.62 -14.35
C TYR A 76 4.89 2.49 -13.70
N LEU A 77 4.67 2.83 -12.43
CA LEU A 77 5.59 3.67 -11.68
C LEU A 77 7.00 3.12 -11.57
N THR A 78 7.12 1.81 -11.39
CA THR A 78 8.44 1.17 -11.26
C THR A 78 9.02 0.76 -12.60
N GLU A 79 8.35 1.13 -13.69
CA GLU A 79 8.80 0.81 -15.05
C GLU A 79 9.09 -0.68 -15.25
N THR A 80 8.29 -1.51 -14.60
CA THR A 80 8.41 -2.96 -14.71
C THR A 80 7.84 -3.45 -16.03
N LYS A 81 8.56 -4.37 -16.66
CA LYS A 81 8.16 -4.95 -17.94
C LYS A 81 7.03 -5.97 -17.76
N ILE A 82 5.93 -5.79 -18.49
CA ILE A 82 4.80 -6.72 -18.45
C ILE A 82 5.02 -7.76 -19.54
N ASP A 83 4.86 -9.03 -19.21
CA ASP A 83 5.05 -10.10 -20.18
C ASP A 83 3.80 -10.32 -21.04
N LYS A 84 2.80 -10.96 -20.46
CA LYS A 84 1.56 -11.25 -21.17
C LYS A 84 0.35 -10.65 -20.46
N LEU A 85 -0.74 -10.54 -21.21
CA LEU A 85 -1.99 -10.01 -20.68
C LEU A 85 -3.15 -10.85 -21.20
N CYS A 86 -3.86 -11.51 -20.31
CA CYS A 86 -5.03 -12.29 -20.71
C CYS A 86 -6.16 -11.26 -20.62
N VAL A 87 -6.78 -10.97 -21.77
CA VAL A 87 -7.84 -9.97 -21.79
C VAL A 87 -9.11 -10.45 -22.48
N TRP A 88 -10.24 -9.84 -22.11
CA TRP A 88 -11.52 -10.14 -22.73
C TRP A 88 -11.60 -9.19 -23.93
N ASN A 89 -11.56 -9.75 -25.14
CA ASN A 89 -11.61 -8.95 -26.36
C ASN A 89 -13.00 -8.49 -26.79
N ASN A 90 -14.03 -8.85 -26.03
CA ASN A 90 -15.38 -8.43 -26.37
C ASN A 90 -15.73 -7.10 -25.71
N LYS A 91 -14.69 -6.37 -25.30
CA LYS A 91 -14.83 -5.08 -24.64
C LYS A 91 -13.87 -4.08 -25.28
N THR A 92 -14.26 -2.81 -25.33
CA THR A 92 -13.41 -1.79 -25.92
C THR A 92 -13.16 -0.65 -24.93
N PRO A 93 -11.89 -0.45 -24.54
CA PRO A 93 -10.73 -1.24 -24.97
C PRO A 93 -10.75 -2.59 -24.27
N ASN A 94 -9.91 -3.51 -24.74
CA ASN A 94 -9.86 -4.85 -24.15
C ASN A 94 -9.72 -4.83 -22.63
N SER A 95 -10.60 -5.56 -21.94
CA SER A 95 -10.59 -5.62 -20.48
C SER A 95 -9.57 -6.64 -19.98
N ILE A 96 -8.76 -6.25 -19.00
CA ILE A 96 -7.74 -7.12 -18.43
C ILE A 96 -8.29 -8.16 -17.46
N ALA A 97 -7.97 -9.41 -17.71
CA ALA A 97 -8.43 -10.54 -16.88
C ALA A 97 -7.29 -11.07 -16.01
N ALA A 98 -6.08 -11.03 -16.56
CA ALA A 98 -4.91 -11.51 -15.85
C ALA A 98 -3.68 -10.87 -16.45
N ILE A 99 -2.63 -10.78 -15.66
CA ILE A 99 -1.37 -10.18 -16.08
C ILE A 99 -0.23 -11.05 -15.58
N SER A 100 0.79 -11.21 -16.40
CA SER A 100 1.94 -12.00 -16.01
C SER A 100 3.17 -11.15 -16.29
N MET A 101 4.16 -11.27 -15.42
CA MET A 101 5.40 -10.51 -15.54
C MET A 101 6.55 -11.46 -15.32
N GLU A 102 7.59 -11.30 -16.09
CA GLU A 102 8.73 -12.17 -15.96
C GLU A 102 10.05 -11.42 -16.00
N LYS A 103 10.87 -11.63 -14.98
CA LYS A 103 12.18 -11.02 -14.91
C LYS A 103 13.12 -12.07 -15.45
N LEU A 104 13.55 -11.85 -16.69
CA LEU A 104 14.38 -12.82 -17.35
C LEU A 104 15.88 -12.60 -17.39
N TYR A 105 16.52 -12.78 -16.24
CA TYR A 105 17.97 -12.73 -16.18
C TYR A 105 18.40 -14.21 -16.01
N ALA A 106 17.46 -15.10 -16.38
CA ALA A 106 17.63 -16.56 -16.33
C ALA A 106 16.76 -17.22 -17.42
N GLY A 107 15.88 -18.15 -17.03
CA GLY A 107 15.03 -18.83 -18.00
C GLY A 107 13.75 -19.42 -17.42
N ALA A 108 13.70 -20.76 -17.32
CA ALA A 108 12.56 -21.48 -16.76
C ALA A 108 12.82 -22.99 -16.67
N ALA B 1 3.47 -19.57 20.06
CA ALA B 1 3.60 -19.30 18.60
C ALA B 1 4.92 -19.80 18.07
N PRO B 2 4.93 -20.42 16.89
CA PRO B 2 6.18 -20.91 16.31
C PRO B 2 7.11 -19.73 16.07
N GLN B 3 8.41 -19.99 16.07
CA GLN B 3 9.36 -18.90 15.85
C GLN B 3 10.09 -19.08 14.54
N SER B 4 9.66 -20.08 13.77
CA SER B 4 10.28 -20.41 12.49
C SER B 4 9.20 -20.83 11.49
N ILE B 5 9.50 -20.64 10.21
CA ILE B 5 8.56 -21.03 9.15
C ILE B 5 8.51 -22.55 9.12
N THR B 6 9.64 -23.17 9.44
CA THR B 6 9.73 -24.62 9.44
C THR B 6 8.94 -25.17 10.63
N GLU B 7 9.07 -24.51 11.78
CA GLU B 7 8.35 -24.95 12.96
C GLU B 7 6.86 -24.77 12.73
N LEU B 8 6.49 -23.72 11.99
CA LEU B 8 5.10 -23.43 11.67
C LEU B 8 4.52 -24.47 10.73
N CYS B 9 5.31 -24.87 9.74
CA CYS B 9 4.90 -25.86 8.76
C CYS B 9 4.64 -27.21 9.42
N SER B 10 5.39 -27.50 10.48
CA SER B 10 5.26 -28.76 11.21
C SER B 10 3.92 -28.93 11.91
N GLU B 11 3.21 -27.84 12.12
CA GLU B 11 1.92 -27.90 12.80
C GLU B 11 0.77 -28.29 11.87
N TYR B 12 1.02 -28.29 10.58
CA TYR B 12 -0.02 -28.60 9.61
C TYR B 12 0.16 -29.89 8.83
N HIS B 13 -0.96 -30.41 8.39
CA HIS B 13 -0.98 -31.62 7.58
C HIS B 13 -0.90 -31.17 6.13
N ASN B 14 -0.27 -31.99 5.29
CA ASN B 14 -0.15 -31.68 3.86
C ASN B 14 0.71 -30.48 3.53
N THR B 15 1.50 -30.01 4.48
CA THR B 15 2.39 -28.88 4.25
C THR B 15 3.77 -29.43 3.97
N GLN B 16 4.64 -28.59 3.43
CA GLN B 16 5.99 -28.99 3.09
C GLN B 16 6.83 -27.73 2.86
N ILE B 17 8.04 -27.71 3.42
CA ILE B 17 8.90 -26.54 3.23
C ILE B 17 9.73 -26.74 1.99
N TYR B 18 9.81 -25.69 1.18
CA TYR B 18 10.60 -25.69 -0.03
C TYR B 18 11.64 -24.62 0.15
N THR B 19 12.92 -24.99 0.07
CA THR B 19 13.98 -24.01 0.20
C THR B 19 14.24 -23.41 -1.19
N ILE B 20 13.61 -22.26 -1.43
CA ILE B 20 13.71 -21.55 -2.69
C ILE B 20 15.04 -20.86 -2.88
N ASN B 21 15.44 -20.06 -1.89
CA ASN B 21 16.68 -19.30 -1.92
C ASN B 21 16.93 -18.65 -3.29
N ASP B 22 15.92 -17.93 -3.76
CA ASP B 22 16.02 -17.29 -5.06
C ASP B 22 14.87 -16.27 -5.20
N LYS B 23 15.00 -15.35 -6.14
CA LYS B 23 13.94 -14.38 -6.35
C LYS B 23 12.90 -14.93 -7.33
N ILE B 24 11.70 -14.36 -7.27
CA ILE B 24 10.62 -14.81 -8.13
C ILE B 24 10.91 -14.55 -9.60
N LEU B 25 10.74 -15.60 -10.42
CA LEU B 25 10.98 -15.47 -11.85
C LEU B 25 9.79 -14.83 -12.54
N SER B 26 8.58 -15.30 -12.25
CA SER B 26 7.40 -14.74 -12.87
C SER B 26 6.27 -14.56 -11.87
N TYR B 27 5.53 -13.48 -12.06
CA TYR B 27 4.40 -13.12 -11.23
C TYR B 27 3.17 -13.06 -12.10
N THR B 28 2.18 -13.88 -11.80
CA THR B 28 0.94 -13.89 -12.56
C THR B 28 -0.22 -13.61 -11.61
N GLU B 29 -1.05 -12.65 -12.00
CA GLU B 29 -2.18 -12.25 -11.18
C GLU B 29 -3.45 -12.29 -12.03
N SER B 30 -4.48 -12.92 -11.51
CA SER B 30 -5.74 -13.04 -12.20
C SER B 30 -6.91 -12.48 -11.42
N MET B 31 -7.78 -11.75 -12.11
CA MET B 31 -8.99 -11.19 -11.52
C MET B 31 -10.19 -11.79 -12.23
N ALA B 32 -9.93 -12.82 -13.05
CA ALA B 32 -10.97 -13.53 -13.78
C ALA B 32 -11.87 -14.25 -12.79
N GLY B 33 -13.18 -14.16 -13.00
CA GLY B 33 -14.14 -14.78 -12.10
C GLY B 33 -13.85 -16.23 -11.77
N LYS B 34 -13.88 -16.55 -10.47
CA LYS B 34 -13.61 -17.91 -9.97
C LYS B 34 -12.13 -18.32 -10.01
N ARG B 35 -11.27 -17.44 -10.53
CA ARG B 35 -9.85 -17.70 -10.61
C ARG B 35 -9.06 -16.48 -10.17
N GLU B 36 -9.55 -15.83 -9.13
CA GLU B 36 -8.88 -14.67 -8.57
C GLU B 36 -7.74 -15.22 -7.71
N MET B 37 -6.58 -15.38 -8.33
CA MET B 37 -5.41 -15.95 -7.67
C MET B 37 -4.10 -15.31 -8.14
N VAL B 38 -3.00 -15.77 -7.54
CA VAL B 38 -1.68 -15.31 -7.90
C VAL B 38 -0.84 -16.54 -8.09
N ILE B 39 -0.01 -16.56 -9.12
CA ILE B 39 0.86 -17.70 -9.41
C ILE B 39 2.27 -17.17 -9.56
N ILE B 40 3.21 -17.77 -8.83
CA ILE B 40 4.59 -17.36 -8.92
C ILE B 40 5.43 -18.57 -9.31
N THR B 41 6.46 -18.37 -10.13
CA THR B 41 7.34 -19.47 -10.53
C THR B 41 8.77 -19.01 -10.34
N PHE B 42 9.66 -19.97 -10.17
CA PHE B 42 11.09 -19.71 -9.99
C PHE B 42 11.83 -20.39 -11.13
N LYS B 43 13.07 -19.98 -11.40
CA LYS B 43 13.84 -20.58 -12.48
C LYS B 43 14.08 -22.06 -12.26
N SER B 44 13.87 -22.51 -11.02
CA SER B 44 14.03 -23.91 -10.66
C SER B 44 12.91 -24.74 -11.28
N GLY B 45 11.90 -24.05 -11.82
CA GLY B 45 10.77 -24.73 -12.42
C GLY B 45 9.59 -24.77 -11.46
N ALA B 46 9.87 -24.57 -10.18
CA ALA B 46 8.84 -24.60 -9.13
C ALA B 46 7.77 -23.55 -9.37
N THR B 47 6.52 -23.98 -9.22
CA THR B 47 5.38 -23.10 -9.41
C THR B 47 4.46 -23.18 -8.20
N PHE B 48 4.07 -22.03 -7.68
CA PHE B 48 3.19 -21.98 -6.51
C PHE B 48 2.04 -21.02 -6.75
N GLN B 49 1.03 -21.10 -5.90
CA GLN B 49 -0.13 -20.25 -6.03
C GLN B 49 -0.65 -19.81 -4.67
N VAL B 50 -1.43 -18.75 -4.69
CA VAL B 50 -2.11 -18.26 -3.50
C VAL B 50 -3.52 -18.53 -4.02
N GLU B 51 -4.05 -19.69 -3.65
CA GLU B 51 -5.36 -20.12 -4.12
C GLU B 51 -6.53 -19.20 -3.87
N VAL B 52 -7.50 -19.29 -4.79
CA VAL B 52 -8.73 -18.51 -4.74
C VAL B 52 -9.41 -18.72 -3.41
N PRO B 53 -9.78 -17.62 -2.73
CA PRO B 53 -10.45 -17.66 -1.43
C PRO B 53 -11.70 -18.52 -1.50
N GLY B 54 -11.79 -19.51 -0.61
CA GLY B 54 -12.93 -20.42 -0.61
C GLY B 54 -13.47 -20.84 0.74
N SER B 55 -13.42 -22.14 1.03
CA SER B 55 -13.93 -22.71 2.28
C SER B 55 -12.88 -23.17 3.29
N GLN B 56 -11.77 -23.72 2.79
CA GLN B 56 -10.67 -24.18 3.66
C GLN B 56 -10.27 -23.02 4.58
N HIS B 57 -10.26 -21.83 3.98
CA HIS B 57 -9.91 -20.57 4.64
C HIS B 57 -10.97 -20.19 5.66
N ILE B 58 -10.52 -19.83 6.87
CA ILE B 58 -11.46 -19.45 7.92
C ILE B 58 -11.97 -18.02 7.67
N ASP B 59 -11.68 -17.08 8.56
CA ASP B 59 -12.13 -15.71 8.38
C ASP B 59 -11.03 -14.68 8.54
N SER B 60 -10.10 -14.94 9.46
CA SER B 60 -8.97 -14.04 9.67
C SER B 60 -7.97 -14.37 8.57
N GLN B 61 -8.25 -15.47 7.87
CA GLN B 61 -7.43 -15.95 6.77
C GLN B 61 -7.72 -15.10 5.54
N LYS B 62 -8.84 -14.39 5.58
CA LYS B 62 -9.25 -13.52 4.48
C LYS B 62 -8.21 -12.43 4.24
N LYS B 63 -7.84 -11.72 5.31
CA LYS B 63 -6.84 -10.64 5.23
C LYS B 63 -5.45 -11.19 4.98
N ALA B 64 -5.16 -12.34 5.58
CA ALA B 64 -3.86 -12.97 5.42
C ALA B 64 -3.60 -13.34 3.96
N ILE B 65 -4.63 -13.80 3.26
CA ILE B 65 -4.52 -14.17 1.86
C ILE B 65 -4.20 -12.94 1.03
N GLU B 66 -4.91 -11.85 1.29
CA GLU B 66 -4.68 -10.61 0.57
C GLU B 66 -3.28 -10.11 0.83
N ARG B 67 -2.85 -10.22 2.08
CA ARG B 67 -1.52 -9.80 2.50
C ARG B 67 -0.46 -10.64 1.79
N MET B 68 -0.72 -11.94 1.66
CA MET B 68 0.22 -12.85 1.02
C MET B 68 0.41 -12.48 -0.43
N LYS B 69 -0.68 -12.10 -1.08
CA LYS B 69 -0.63 -11.70 -2.47
C LYS B 69 0.04 -10.34 -2.61
N ASP B 70 -0.09 -9.49 -1.58
CA ASP B 70 0.54 -8.16 -1.58
C ASP B 70 2.05 -8.35 -1.46
N THR B 71 2.44 -9.29 -0.62
CA THR B 71 3.83 -9.62 -0.35
C THR B 71 4.52 -10.19 -1.57
N LEU B 72 3.87 -11.13 -2.26
CA LEU B 72 4.46 -11.73 -3.43
C LEU B 72 4.68 -10.71 -4.54
N ARG B 73 3.74 -9.79 -4.71
CA ARG B 73 3.87 -8.76 -5.73
C ARG B 73 5.04 -7.83 -5.45
N ILE B 74 5.12 -7.30 -4.22
CA ILE B 74 6.18 -6.38 -3.84
C ILE B 74 7.55 -7.09 -3.83
N THR B 75 7.55 -8.38 -3.46
CA THR B 75 8.78 -9.16 -3.43
C THR B 75 9.26 -9.31 -4.87
N TYR B 76 8.35 -9.61 -5.78
CA TYR B 76 8.68 -9.77 -7.19
C TYR B 76 9.21 -8.46 -7.78
N LEU B 77 8.46 -7.38 -7.60
CA LEU B 77 8.85 -6.09 -8.13
C LEU B 77 10.18 -5.58 -7.63
N THR B 78 10.48 -5.83 -6.35
CA THR B 78 11.73 -5.37 -5.76
C THR B 78 12.86 -6.36 -5.93
N GLU B 79 12.59 -7.44 -6.64
CA GLU B 79 13.58 -8.49 -6.87
C GLU B 79 14.20 -9.04 -5.59
N THR B 80 13.38 -9.12 -4.55
CA THR B 80 13.81 -9.63 -3.25
C THR B 80 13.90 -11.15 -3.27
N LYS B 81 14.98 -11.68 -2.71
CA LYS B 81 15.23 -13.13 -2.64
C LYS B 81 14.33 -13.79 -1.60
N ILE B 82 13.61 -14.82 -2.00
CA ILE B 82 12.73 -15.56 -1.09
C ILE B 82 13.53 -16.74 -0.56
N ASP B 83 13.50 -16.95 0.75
CA ASP B 83 14.25 -18.05 1.35
C ASP B 83 13.49 -19.36 1.28
N LYS B 84 12.47 -19.51 2.13
CA LYS B 84 11.69 -20.73 2.17
C LYS B 84 10.21 -20.46 1.93
N LEU B 85 9.48 -21.51 1.58
CA LEU B 85 8.06 -21.43 1.33
C LEU B 85 7.37 -22.64 1.95
N CYS B 86 6.47 -22.42 2.91
CA CYS B 86 5.73 -23.51 3.51
C CYS B 86 4.49 -23.58 2.63
N VAL B 87 4.31 -24.70 1.95
CA VAL B 87 3.17 -24.84 1.05
C VAL B 87 2.38 -26.11 1.29
N TRP B 88 1.11 -26.10 0.89
CA TRP B 88 0.26 -27.27 0.98
C TRP B 88 0.44 -28.01 -0.33
N ASN B 89 1.03 -29.20 -0.26
CA ASN B 89 1.31 -30.00 -1.44
C ASN B 89 0.12 -30.80 -1.98
N ASN B 90 -1.03 -30.67 -1.32
CA ASN B 90 -2.23 -31.37 -1.77
C ASN B 90 -3.02 -30.53 -2.79
N LYS B 91 -2.39 -29.50 -3.34
CA LYS B 91 -3.00 -28.61 -4.32
C LYS B 91 -2.06 -28.42 -5.51
N THR B 92 -2.62 -28.20 -6.69
CA THR B 92 -1.80 -28.00 -7.88
C THR B 92 -2.16 -26.70 -8.59
N PRO B 93 -1.21 -25.76 -8.68
CA PRO B 93 0.14 -25.91 -8.14
C PRO B 93 0.10 -25.78 -6.62
N ASN B 94 1.22 -26.09 -5.95
CA ASN B 94 1.25 -26.01 -4.49
C ASN B 94 0.82 -24.64 -3.95
N SER B 95 -0.09 -24.68 -2.97
CA SER B 95 -0.61 -23.46 -2.37
C SER B 95 0.31 -22.95 -1.25
N ILE B 96 0.60 -21.66 -1.28
CA ILE B 96 1.47 -21.03 -0.30
C ILE B 96 0.79 -20.80 1.04
N ALA B 97 1.41 -21.31 2.10
CA ALA B 97 0.89 -21.18 3.46
C ALA B 97 1.67 -20.13 4.24
N ALA B 98 2.96 -20.05 3.97
CA ALA B 98 3.84 -19.10 4.63
C ALA B 98 5.08 -18.86 3.78
N ILE B 99 5.68 -17.70 3.96
CA ILE B 99 6.87 -17.34 3.21
C ILE B 99 7.89 -16.72 4.17
N SER B 100 9.16 -17.05 3.97
CA SER B 100 10.21 -16.49 4.80
C SER B 100 11.26 -15.91 3.87
N MET B 101 11.85 -14.81 4.27
CA MET B 101 12.88 -14.12 3.48
C MET B 101 14.02 -13.73 4.42
N GLU B 102 15.25 -13.89 3.95
CA GLU B 102 16.42 -13.58 4.76
C GLU B 102 17.34 -12.62 4.03
N LYS B 103 18.28 -12.02 4.76
CA LYS B 103 19.22 -11.11 4.16
C LYS B 103 20.68 -11.58 4.15
N LEU B 104 21.25 -11.86 5.32
CA LEU B 104 22.65 -12.32 5.42
C LEU B 104 23.67 -11.31 4.87
N TYR B 105 23.19 -10.24 4.24
CA TYR B 105 23.99 -9.17 3.64
C TYR B 105 25.36 -9.54 3.05
N ALA C 1 -0.99 11.97 25.61
CA ALA C 1 -0.37 10.87 24.82
C ALA C 1 1.14 10.84 25.00
N PRO C 2 1.74 9.64 25.10
CA PRO C 2 3.18 9.54 25.27
C PRO C 2 3.88 10.16 24.07
N GLN C 3 5.11 10.64 24.29
CA GLN C 3 5.89 11.27 23.23
C GLN C 3 7.05 10.39 22.81
N SER C 4 7.16 9.23 23.44
CA SER C 4 8.24 8.31 23.19
C SER C 4 7.76 6.87 23.25
N ILE C 5 8.50 5.98 22.60
CA ILE C 5 8.15 4.57 22.60
C ILE C 5 8.43 4.04 23.99
N THR C 6 9.42 4.62 24.65
CA THR C 6 9.79 4.21 25.99
C THR C 6 8.71 4.64 26.95
N GLU C 7 8.25 5.88 26.79
CA GLU C 7 7.20 6.41 27.66
C GLU C 7 5.92 5.60 27.46
N LEU C 8 5.69 5.16 26.23
CA LEU C 8 4.52 4.38 25.88
C LEU C 8 4.57 2.99 26.50
N CYS C 9 5.75 2.38 26.46
CA CYS C 9 5.93 1.04 27.02
C CYS C 9 5.72 1.04 28.52
N SER C 10 6.03 2.17 29.16
CA SER C 10 5.89 2.32 30.60
C SER C 10 4.45 2.25 31.09
N GLU C 11 3.51 2.48 30.19
CA GLU C 11 2.09 2.45 30.53
C GLU C 11 1.51 1.05 30.58
N TYR C 12 2.24 0.06 30.06
CA TYR C 12 1.73 -1.31 30.03
C TYR C 12 2.44 -2.29 30.92
N HIS C 13 1.71 -3.35 31.27
CA HIS C 13 2.25 -4.42 32.08
C HIS C 13 2.81 -5.46 31.11
N ASN C 14 3.87 -6.14 31.53
CA ASN C 14 4.47 -7.18 30.69
C ASN C 14 5.15 -6.68 29.42
N THR C 15 5.38 -5.38 29.33
CA THR C 15 6.05 -4.82 28.16
C THR C 15 7.51 -4.59 28.51
N GLN C 16 8.33 -4.35 27.49
CA GLN C 16 9.75 -4.18 27.71
C GLN C 16 10.37 -3.65 26.44
N ILE C 17 11.21 -2.63 26.57
CA ILE C 17 11.87 -2.04 25.40
C ILE C 17 13.15 -2.78 25.08
N TYR C 18 13.33 -3.08 23.80
CA TYR C 18 14.53 -3.74 23.34
C TYR C 18 15.17 -2.79 22.36
N THR C 19 16.43 -2.43 22.61
CA THR C 19 17.11 -1.54 21.70
C THR C 19 17.76 -2.39 20.63
N ILE C 20 17.10 -2.45 19.48
CA ILE C 20 17.55 -3.24 18.35
C ILE C 20 18.68 -2.59 17.58
N ASN C 21 18.50 -1.31 17.24
CA ASN C 21 19.46 -0.54 16.46
C ASN C 21 20.08 -1.36 15.34
N ASP C 22 19.23 -1.99 14.54
CA ASP C 22 19.69 -2.83 13.45
C ASP C 22 18.52 -3.08 12.51
N LYS C 23 18.81 -3.50 11.29
CA LYS C 23 17.78 -3.81 10.33
C LYS C 23 17.33 -5.26 10.50
N ILE C 24 16.12 -5.59 10.01
CA ILE C 24 15.57 -6.94 10.14
C ILE C 24 16.37 -7.95 9.34
N LEU C 25 16.74 -9.04 9.98
CA LEU C 25 17.49 -10.10 9.33
C LEU C 25 16.55 -10.98 8.50
N SER C 26 15.45 -11.41 9.10
CA SER C 26 14.49 -12.24 8.39
C SER C 26 13.06 -11.83 8.64
N TYR C 27 12.25 -11.97 7.59
CA TYR C 27 10.83 -11.66 7.64
C TYR C 27 10.09 -12.93 7.28
N THR C 28 9.22 -13.38 8.17
CA THR C 28 8.42 -14.57 7.93
C THR C 28 6.95 -14.20 8.08
N GLU C 29 6.17 -14.54 7.07
CA GLU C 29 4.75 -14.23 7.06
C GLU C 29 3.95 -15.49 6.81
N SER C 30 2.93 -15.71 7.63
CA SER C 30 2.11 -16.89 7.51
C SER C 30 0.64 -16.56 7.36
N MET C 31 -0.02 -17.28 6.44
CA MET C 31 -1.46 -17.13 6.21
C MET C 31 -2.14 -18.44 6.54
N ALA C 32 -1.38 -19.35 7.15
CA ALA C 32 -1.88 -20.67 7.54
C ALA C 32 -2.93 -20.47 8.62
N GLY C 33 -4.03 -21.22 8.51
CA GLY C 33 -5.11 -21.10 9.46
C GLY C 33 -4.73 -21.14 10.92
N LYS C 34 -5.19 -20.16 11.69
CA LYS C 34 -4.91 -20.04 13.12
C LYS C 34 -3.48 -19.58 13.46
N ARG C 35 -2.67 -19.37 12.42
CA ARG C 35 -1.28 -18.91 12.55
C ARG C 35 -1.00 -17.77 11.58
N GLU C 36 -1.98 -16.88 11.42
CA GLU C 36 -1.84 -15.73 10.53
C GLU C 36 -1.01 -14.72 11.32
N MET C 37 0.30 -14.80 11.17
CA MET C 37 1.20 -13.93 11.91
C MET C 37 2.43 -13.56 11.11
N VAL C 38 3.24 -12.70 11.70
CA VAL C 38 4.49 -12.28 11.10
C VAL C 38 5.58 -12.47 12.16
N ILE C 39 6.72 -13.00 11.74
CA ILE C 39 7.85 -13.23 12.63
C ILE C 39 9.09 -12.56 12.06
N ILE C 40 9.76 -11.74 12.86
CA ILE C 40 10.98 -11.09 12.40
C ILE C 40 12.10 -11.45 13.36
N THR C 41 13.31 -11.60 12.82
CA THR C 41 14.47 -11.92 13.64
C THR C 41 15.59 -10.98 13.25
N PHE C 42 16.52 -10.75 14.19
CA PHE C 42 17.67 -9.89 13.95
C PHE C 42 18.92 -10.73 14.11
N LYS C 43 20.07 -10.27 13.60
CA LYS C 43 21.29 -11.06 13.72
C LYS C 43 21.70 -11.25 15.16
N SER C 44 21.10 -10.48 16.05
CA SER C 44 21.37 -10.56 17.47
C SER C 44 20.78 -11.85 18.03
N GLY C 45 19.96 -12.50 17.22
CA GLY C 45 19.31 -13.74 17.61
C GLY C 45 17.88 -13.46 18.07
N ALA C 46 17.60 -12.19 18.38
CA ALA C 46 16.29 -11.77 18.85
C ALA C 46 15.21 -12.10 17.85
N THR C 47 14.11 -12.68 18.34
CA THR C 47 12.97 -13.05 17.50
C THR C 47 11.69 -12.47 18.06
N PHE C 48 10.91 -11.82 17.22
CA PHE C 48 9.67 -11.23 17.65
C PHE C 48 8.52 -11.61 16.71
N GLN C 49 7.30 -11.34 17.14
CA GLN C 49 6.14 -11.67 16.35
C GLN C 49 5.06 -10.60 16.48
N VAL C 50 4.14 -10.62 15.52
CA VAL C 50 2.99 -9.75 15.55
C VAL C 50 1.98 -10.88 15.63
N GLU C 51 1.58 -11.19 16.86
CA GLU C 51 0.68 -12.31 17.11
C GLU C 51 -0.66 -12.31 16.41
N VAL C 52 -1.15 -13.53 16.18
CA VAL C 52 -2.43 -13.79 15.52
C VAL C 52 -3.53 -13.03 16.26
N PRO C 53 -4.35 -12.26 15.52
CA PRO C 53 -5.44 -11.48 16.11
C PRO C 53 -6.38 -12.38 16.88
N GLY C 54 -6.74 -11.96 18.10
CA GLY C 54 -7.63 -12.78 18.91
C GLY C 54 -8.35 -12.01 19.99
N SER C 55 -8.53 -12.65 21.15
CA SER C 55 -9.20 -12.06 22.30
C SER C 55 -8.47 -10.92 22.98
N GLN C 56 -7.17 -11.12 23.23
CA GLN C 56 -6.33 -10.11 23.88
C GLN C 56 -6.35 -8.75 23.19
N HIS C 57 -6.57 -8.76 21.88
CA HIS C 57 -6.63 -7.54 21.08
C HIS C 57 -8.05 -7.00 21.08
N ILE C 58 -8.19 -5.67 21.05
CA ILE C 58 -9.52 -5.04 21.01
C ILE C 58 -9.98 -4.80 19.56
N ASP C 59 -10.73 -3.74 19.29
CA ASP C 59 -11.20 -3.52 17.92
C ASP C 59 -10.52 -2.42 17.09
N SER C 60 -9.82 -1.50 17.76
CA SER C 60 -9.09 -0.47 17.05
C SER C 60 -7.69 -1.06 16.84
N GLN C 61 -7.39 -2.08 17.62
CA GLN C 61 -6.12 -2.79 17.53
C GLN C 61 -6.13 -3.61 16.25
N LYS C 62 -7.33 -3.86 15.72
CA LYS C 62 -7.47 -4.65 14.50
C LYS C 62 -6.70 -4.02 13.34
N LYS C 63 -6.90 -2.73 13.11
CA LYS C 63 -6.20 -2.03 12.04
C LYS C 63 -4.74 -1.80 12.39
N ALA C 64 -4.47 -1.55 13.67
CA ALA C 64 -3.11 -1.33 14.13
C ALA C 64 -2.23 -2.54 13.91
N ILE C 65 -2.82 -3.73 14.10
CA ILE C 65 -2.08 -4.98 13.91
C ILE C 65 -1.71 -5.13 12.44
N GLU C 66 -2.67 -4.85 11.57
CA GLU C 66 -2.42 -4.96 10.15
C GLU C 66 -1.35 -3.97 9.73
N ARG C 67 -1.44 -2.77 10.28
CA ARG C 67 -0.48 -1.69 10.00
C ARG C 67 0.91 -2.10 10.47
N MET C 68 0.98 -2.72 11.65
CA MET C 68 2.25 -3.16 12.21
C MET C 68 2.90 -4.16 11.28
N LYS C 69 2.11 -5.08 10.76
CA LYS C 69 2.62 -6.07 9.83
C LYS C 69 3.01 -5.44 8.50
N ASP C 70 2.32 -4.35 8.13
CA ASP C 70 2.62 -3.66 6.87
C ASP C 70 3.97 -2.96 7.03
N THR C 71 4.17 -2.39 8.22
CA THR C 71 5.39 -1.67 8.57
C THR C 71 6.61 -2.57 8.62
N LEU C 72 6.47 -3.74 9.22
CA LEU C 72 7.58 -4.67 9.31
C LEU C 72 8.02 -5.14 7.95
N ARG C 73 7.05 -5.39 7.06
CA ARG C 73 7.38 -5.86 5.71
C ARG C 73 8.13 -4.79 4.90
N ILE C 74 7.63 -3.56 4.93
CA ILE C 74 8.26 -2.49 4.17
C ILE C 74 9.60 -2.12 4.76
N THR C 75 9.72 -2.25 6.08
CA THR C 75 10.96 -1.95 6.79
C THR C 75 11.99 -2.98 6.35
N TYR C 76 11.57 -4.25 6.32
CA TYR C 76 12.45 -5.33 5.92
C TYR C 76 12.91 -5.13 4.48
N LEU C 77 11.95 -4.95 3.58
CA LEU C 77 12.24 -4.79 2.16
C LEU C 77 13.13 -3.63 1.83
N THR C 78 12.96 -2.52 2.54
CA THR C 78 13.75 -1.32 2.30
C THR C 78 15.04 -1.30 3.12
N GLU C 79 15.29 -2.39 3.86
CA GLU C 79 16.47 -2.52 4.70
C GLU C 79 16.63 -1.34 5.67
N THR C 80 15.50 -0.85 6.19
CA THR C 80 15.49 0.26 7.13
C THR C 80 15.87 -0.23 8.52
N LYS C 81 16.70 0.56 9.20
CA LYS C 81 17.19 0.25 10.54
C LYS C 81 16.11 0.52 11.59
N ILE C 82 15.80 -0.49 12.40
CA ILE C 82 14.81 -0.36 13.46
C ILE C 82 15.57 0.06 14.71
N ASP C 83 15.08 1.07 15.42
CA ASP C 83 15.73 1.53 16.64
C ASP C 83 15.34 0.72 17.87
N LYS C 84 14.13 0.94 18.37
CA LYS C 84 13.65 0.21 19.53
C LYS C 84 12.35 -0.54 19.23
N LEU C 85 12.03 -1.50 20.10
CA LEU C 85 10.82 -2.30 19.98
C LEU C 85 10.21 -2.49 21.35
N CYS C 86 9.00 -1.98 21.57
CA CYS C 86 8.32 -2.20 22.84
C CYS C 86 7.58 -3.50 22.59
N VAL C 87 7.87 -4.52 23.39
CA VAL C 87 7.24 -5.82 23.20
C VAL C 87 6.68 -6.40 24.48
N TRP C 88 5.69 -7.28 24.36
CA TRP C 88 5.10 -7.96 25.50
C TRP C 88 5.94 -9.22 25.66
N ASN C 89 6.66 -9.29 26.78
CA ASN C 89 7.53 -10.43 27.06
C ASN C 89 6.83 -11.67 27.62
N ASN C 90 5.51 -11.58 27.80
CA ASN C 90 4.74 -12.72 28.30
C ASN C 90 4.27 -13.64 27.17
N LYS C 91 4.87 -13.47 25.99
CA LYS C 91 4.52 -14.26 24.81
C LYS C 91 5.80 -14.77 24.15
N THR C 92 5.73 -15.94 23.54
CA THR C 92 6.87 -16.52 22.85
C THR C 92 6.58 -16.83 21.39
N PRO C 93 7.27 -16.16 20.45
CA PRO C 93 8.29 -15.15 20.72
C PRO C 93 7.64 -13.86 21.22
N ASN C 94 8.44 -12.94 21.72
CA ASN C 94 7.89 -11.68 22.23
C ASN C 94 7.02 -10.97 21.19
N SER C 95 5.84 -10.55 21.62
CA SER C 95 4.90 -9.88 20.74
C SER C 95 5.17 -8.38 20.64
N ILE C 96 5.20 -7.86 19.43
CA ILE C 96 5.48 -6.43 19.19
C ILE C 96 4.30 -5.54 19.52
N ALA C 97 4.53 -4.53 20.36
CA ALA C 97 3.48 -3.59 20.77
C ALA C 97 3.70 -2.24 20.11
N ALA C 98 4.96 -1.90 19.86
CA ALA C 98 5.30 -0.63 19.24
C ALA C 98 6.69 -0.73 18.65
N ILE C 99 6.95 0.08 17.64
CA ILE C 99 8.23 0.07 16.96
C ILE C 99 8.65 1.51 16.74
N SER C 100 9.94 1.80 16.89
CA SER C 100 10.44 3.15 16.65
C SER C 100 11.63 3.03 15.73
N MET C 101 11.81 4.03 14.88
CA MET C 101 12.91 4.05 13.92
C MET C 101 13.49 5.44 13.89
N GLU C 102 14.80 5.55 14.11
CA GLU C 102 15.51 6.83 14.11
C GLU C 102 16.33 6.90 12.85
N LYS C 103 16.45 8.10 12.29
CA LYS C 103 17.15 8.28 11.03
C LYS C 103 18.40 9.16 11.13
N LEU C 104 19.54 8.58 11.53
CA LEU C 104 20.80 9.32 11.65
C LEU C 104 20.62 10.63 12.39
N TYR C 105 21.67 11.45 12.41
CA TYR C 105 21.71 12.77 13.05
C TYR C 105 23.13 13.03 13.55
N ALA C 106 23.94 13.71 12.74
CA ALA C 106 25.32 14.03 13.10
C ALA C 106 25.36 14.92 14.35
N GLY C 107 24.24 15.59 14.64
CA GLY C 107 24.14 16.46 15.80
C GLY C 107 24.55 15.73 17.07
N ALA C 108 24.42 14.41 17.06
CA ALA C 108 24.80 13.53 18.16
C ALA C 108 23.98 13.53 19.44
N VAL C 109 24.32 12.59 20.32
CA VAL C 109 23.65 12.39 21.60
C VAL C 109 24.03 13.45 22.65
N ALA D 1 -13.26 25.13 -1.25
CA ALA D 1 -12.20 24.40 -0.51
C ALA D 1 -10.89 25.20 -0.49
N PRO D 2 -10.17 25.14 0.64
CA PRO D 2 -8.91 25.87 0.75
C PRO D 2 -7.91 25.38 -0.29
N GLN D 3 -7.01 26.26 -0.70
CA GLN D 3 -6.02 25.93 -1.71
C GLN D 3 -4.63 25.80 -1.10
N SER D 4 -4.55 25.99 0.21
CA SER D 4 -3.29 25.93 0.93
C SER D 4 -3.46 25.29 2.30
N ILE D 5 -2.37 24.76 2.85
CA ILE D 5 -2.43 24.13 4.16
C ILE D 5 -2.63 25.24 5.19
N THR D 6 -2.08 26.42 4.88
CA THR D 6 -2.20 27.57 5.75
C THR D 6 -3.66 28.03 5.76
N GLU D 7 -4.23 28.11 4.57
CA GLU D 7 -5.64 28.52 4.38
C GLU D 7 -6.54 27.56 5.14
N LEU D 8 -6.20 26.28 5.06
CA LEU D 8 -6.97 25.23 5.70
C LEU D 8 -6.89 25.31 7.22
N CYS D 9 -5.70 25.60 7.73
CA CYS D 9 -5.48 25.69 9.17
C CYS D 9 -6.28 26.84 9.75
N SER D 10 -6.44 27.90 8.95
CA SER D 10 -7.17 29.11 9.37
C SER D 10 -8.65 28.86 9.67
N GLU D 11 -9.18 27.77 9.14
CA GLU D 11 -10.59 27.44 9.35
C GLU D 11 -10.86 26.77 10.68
N TYR D 12 -9.82 26.31 11.36
CA TYR D 12 -9.99 25.63 12.64
C TYR D 12 -9.50 26.35 13.87
N HIS D 13 -10.10 25.99 15.00
CA HIS D 13 -9.71 26.57 16.28
C HIS D 13 -8.65 25.64 16.84
N ASN D 14 -7.72 26.20 17.60
CA ASN D 14 -6.66 25.41 18.23
C ASN D 14 -5.66 24.80 17.26
N THR D 15 -5.65 25.27 16.01
CA THR D 15 -4.68 24.77 15.05
C THR D 15 -3.55 25.75 14.93
N GLN D 16 -2.44 25.31 14.36
CA GLN D 16 -1.28 26.17 14.21
C GLN D 16 -0.37 25.56 13.16
N ILE D 17 0.14 26.40 12.26
CA ILE D 17 1.04 25.93 11.23
C ILE D 17 2.47 25.96 11.73
N TYR D 18 3.18 24.87 11.51
CA TYR D 18 4.56 24.78 11.91
C TYR D 18 5.39 24.52 10.68
N THR D 19 6.33 25.42 10.42
CA THR D 19 7.21 25.30 9.27
C THR D 19 8.33 24.33 9.61
N ILE D 20 8.16 23.07 9.19
CA ILE D 20 9.14 22.02 9.45
C ILE D 20 10.36 22.07 8.54
N ASN D 21 10.10 22.17 7.24
CA ASN D 21 11.14 22.20 6.23
C ASN D 21 12.28 21.24 6.54
N ASP D 22 11.95 19.99 6.83
CA ASP D 22 12.95 18.99 7.16
C ASP D 22 12.30 17.60 7.07
N LYS D 23 13.13 16.57 6.96
CA LYS D 23 12.63 15.19 6.90
C LYS D 23 12.42 14.69 8.34
N ILE D 24 11.59 13.64 8.48
CA ILE D 24 11.30 13.07 9.79
C ILE D 24 12.52 12.41 10.41
N LEU D 25 12.80 12.75 11.66
CA LEU D 25 13.94 12.17 12.37
C LEU D 25 13.60 10.78 12.88
N SER D 26 12.47 10.66 13.56
CA SER D 26 12.06 9.36 14.08
C SER D 26 10.57 9.09 13.84
N TYR D 27 10.28 7.82 13.60
CA TYR D 27 8.94 7.34 13.34
C TYR D 27 8.62 6.29 14.39
N THR D 28 7.59 6.54 15.18
CA THR D 28 7.19 5.58 16.20
C THR D 28 5.74 5.20 15.93
N GLU D 29 5.48 3.91 15.96
CA GLU D 29 4.15 3.41 15.69
C GLU D 29 3.78 2.41 16.76
N SER D 30 2.60 2.60 17.33
CA SER D 30 2.11 1.71 18.38
C SER D 30 0.80 1.05 18.03
N MET D 31 0.68 -0.22 18.41
CA MET D 31 -0.53 -0.98 18.20
C MET D 31 -1.01 -1.45 19.56
N ALA D 32 -0.42 -0.90 20.60
CA ALA D 32 -0.78 -1.25 21.97
C ALA D 32 -2.19 -0.74 22.25
N GLY D 33 -2.99 -1.55 22.93
CA GLY D 33 -4.37 -1.19 23.24
C GLY D 33 -4.56 0.19 23.82
N LYS D 34 -5.45 0.98 23.21
CA LYS D 34 -5.77 2.34 23.63
C LYS D 34 -4.70 3.38 23.30
N ARG D 35 -3.62 2.94 22.68
CA ARG D 35 -2.52 3.82 22.27
C ARG D 35 -2.11 3.52 20.85
N GLU D 36 -3.09 3.23 19.99
CA GLU D 36 -2.82 2.94 18.58
C GLU D 36 -2.60 4.29 17.90
N MET D 37 -1.34 4.72 17.89
CA MET D 37 -1.00 6.01 17.34
C MET D 37 0.35 6.01 16.63
N VAL D 38 0.71 7.15 16.08
CA VAL D 38 1.98 7.33 15.42
C VAL D 38 2.58 8.62 15.95
N ILE D 39 3.87 8.58 16.27
CA ILE D 39 4.57 9.74 16.79
C ILE D 39 5.77 10.01 15.90
N ILE D 40 5.93 11.25 15.47
CA ILE D 40 7.07 11.59 14.64
C ILE D 40 7.78 12.77 15.30
N THR D 41 9.11 12.79 15.19
CA THR D 41 9.89 13.88 15.76
C THR D 41 10.89 14.34 14.72
N PHE D 42 11.32 15.59 14.86
CA PHE D 42 12.29 16.16 13.94
C PHE D 42 13.50 16.56 14.75
N LYS D 43 14.64 16.79 14.09
CA LYS D 43 15.86 17.16 14.81
C LYS D 43 15.71 18.51 15.53
N SER D 44 14.68 19.25 15.16
CA SER D 44 14.38 20.54 15.78
C SER D 44 13.85 20.34 17.19
N GLY D 45 13.56 19.08 17.54
CA GLY D 45 13.03 18.78 18.85
C GLY D 45 11.53 18.62 18.82
N ALA D 46 10.91 19.16 17.77
CA ALA D 46 9.46 19.09 17.59
C ALA D 46 8.96 17.64 17.54
N THR D 47 7.87 17.40 18.27
CA THR D 47 7.28 16.07 18.31
C THR D 47 5.78 16.19 18.06
N PHE D 48 5.29 15.36 17.16
CA PHE D 48 3.87 15.38 16.80
C PHE D 48 3.29 13.98 16.82
N GLN D 49 1.97 13.90 16.82
CA GLN D 49 1.29 12.61 16.84
C GLN D 49 0.07 12.61 15.93
N VAL D 50 -0.38 11.41 15.59
CA VAL D 50 -1.60 11.23 14.84
C VAL D 50 -2.33 10.48 15.95
N GLU D 51 -3.11 11.23 16.73
CA GLU D 51 -3.80 10.67 17.87
C GLU D 51 -4.73 9.49 17.65
N VAL D 52 -4.85 8.69 18.70
CA VAL D 52 -5.70 7.50 18.72
C VAL D 52 -7.12 7.89 18.34
N PRO D 53 -7.72 7.16 17.36
CA PRO D 53 -9.07 7.43 16.89
C PRO D 53 -10.03 7.41 18.08
N GLY D 54 -10.77 8.51 18.25
CA GLY D 54 -11.69 8.58 19.36
C GLY D 54 -12.96 9.36 19.07
N SER D 55 -13.62 9.81 20.14
CA SER D 55 -14.87 10.55 20.08
C SER D 55 -14.80 11.93 19.44
N GLN D 56 -13.60 12.47 19.28
CA GLN D 56 -13.42 13.78 18.67
C GLN D 56 -13.31 13.67 17.15
N HIS D 57 -13.34 12.45 16.64
CA HIS D 57 -13.24 12.18 15.21
C HIS D 57 -14.54 11.71 14.59
N ILE D 58 -14.99 12.42 13.55
CA ILE D 58 -16.20 12.02 12.85
C ILE D 58 -15.83 10.86 11.91
N ASP D 59 -16.82 10.11 11.43
CA ASP D 59 -16.58 8.96 10.56
C ASP D 59 -15.92 9.18 9.20
N SER D 60 -15.86 10.43 8.74
CA SER D 60 -15.22 10.76 7.47
C SER D 60 -13.71 10.80 7.69
N GLN D 61 -13.34 11.14 8.93
CA GLN D 61 -11.95 11.23 9.34
C GLN D 61 -11.31 9.86 9.53
N LYS D 62 -12.12 8.84 9.79
CA LYS D 62 -11.59 7.49 10.02
C LYS D 62 -10.56 7.06 8.98
N LYS D 63 -10.89 7.21 7.70
CA LYS D 63 -9.96 6.85 6.63
C LYS D 63 -8.85 7.87 6.51
N ALA D 64 -9.15 9.13 6.79
CA ALA D 64 -8.17 10.21 6.73
C ALA D 64 -7.04 9.98 7.72
N ILE D 65 -7.39 9.51 8.91
CA ILE D 65 -6.42 9.24 9.97
C ILE D 65 -5.48 8.13 9.52
N GLU D 66 -6.06 7.06 9.00
CA GLU D 66 -5.25 5.94 8.52
C GLU D 66 -4.34 6.39 7.39
N ARG D 67 -4.87 7.25 6.53
CA ARG D 67 -4.10 7.76 5.40
C ARG D 67 -2.95 8.62 5.89
N MET D 68 -3.22 9.42 6.93
CA MET D 68 -2.21 10.30 7.50
C MET D 68 -1.07 9.47 8.05
N LYS D 69 -1.41 8.39 8.72
CA LYS D 69 -0.40 7.50 9.27
C LYS D 69 0.35 6.77 8.17
N ASP D 70 -0.33 6.51 7.05
CA ASP D 70 0.29 5.83 5.91
C ASP D 70 1.31 6.79 5.29
N THR D 71 0.91 8.05 5.22
CA THR D 71 1.74 9.09 4.64
C THR D 71 3.00 9.37 5.45
N LEU D 72 2.86 9.44 6.76
CA LEU D 72 4.01 9.69 7.61
C LEU D 72 5.01 8.56 7.51
N ARG D 73 4.53 7.32 7.44
CA ARG D 73 5.43 6.18 7.34
C ARG D 73 6.22 6.18 6.03
N ILE D 74 5.53 6.39 4.92
CA ILE D 74 6.20 6.38 3.64
C ILE D 74 7.11 7.61 3.48
N THR D 75 6.71 8.71 4.11
CA THR D 75 7.51 9.94 4.05
C THR D 75 8.80 9.67 4.79
N TYR D 76 8.68 9.05 5.95
CA TYR D 76 9.85 8.72 6.78
C TYR D 76 10.79 7.77 6.05
N LEU D 77 10.25 6.65 5.58
CA LEU D 77 11.04 5.64 4.88
C LEU D 77 11.74 6.17 3.64
N THR D 78 11.09 7.06 2.89
CA THR D 78 11.68 7.61 1.67
C THR D 78 12.49 8.87 1.93
N GLU D 79 12.65 9.22 3.21
CA GLU D 79 13.40 10.40 3.61
C GLU D 79 12.94 11.67 2.90
N THR D 80 11.63 11.78 2.72
CA THR D 80 11.04 12.93 2.04
C THR D 80 10.92 14.10 2.99
N LYS D 81 11.28 15.28 2.48
CA LYS D 81 11.25 16.52 3.25
C LYS D 81 9.81 17.00 3.45
N ILE D 82 9.42 17.22 4.70
CA ILE D 82 8.08 17.73 5.01
C ILE D 82 8.20 19.26 5.09
N ASP D 83 7.29 19.96 4.45
CA ASP D 83 7.31 21.43 4.47
C ASP D 83 6.63 22.00 5.71
N LYS D 84 5.31 21.95 5.74
CA LYS D 84 4.56 22.48 6.87
C LYS D 84 3.65 21.43 7.49
N LEU D 85 3.21 21.71 8.71
CA LEU D 85 2.33 20.82 9.44
C LEU D 85 1.27 21.64 10.16
N CYS D 86 0.01 21.46 9.80
CA CYS D 86 -1.07 22.15 10.50
C CYS D 86 -1.43 21.17 11.63
N VAL D 87 -1.28 21.63 12.87
CA VAL D 87 -1.53 20.76 14.01
C VAL D 87 -2.41 21.41 15.05
N TRP D 88 -3.08 20.58 15.84
CA TRP D 88 -3.93 21.05 16.94
C TRP D 88 -3.00 21.14 18.14
N ASN D 89 -2.74 22.37 18.60
CA ASN D 89 -1.85 22.59 19.74
C ASN D 89 -2.48 22.36 21.12
N ASN D 90 -3.75 21.97 21.16
CA ASN D 90 -4.38 21.70 22.44
C ASN D 90 -4.21 20.24 22.85
N LYS D 91 -3.24 19.56 22.23
CA LYS D 91 -2.95 18.16 22.50
C LYS D 91 -1.45 17.97 22.68
N THR D 92 -1.06 17.02 23.52
CA THR D 92 0.35 16.76 23.76
C THR D 92 0.72 15.30 23.51
N PRO D 93 1.59 15.04 22.53
CA PRO D 93 2.20 16.08 21.69
C PRO D 93 1.17 16.63 20.69
N ASN D 94 1.52 17.71 20.00
CA ASN D 94 0.61 18.30 19.02
C ASN D 94 0.09 17.28 18.01
N SER D 95 -1.22 17.25 17.83
CA SER D 95 -1.86 16.33 16.90
C SER D 95 -1.88 16.88 15.49
N ILE D 96 -1.49 16.05 14.52
CA ILE D 96 -1.42 16.46 13.11
C ILE D 96 -2.79 16.52 12.44
N ALA D 97 -3.09 17.66 11.84
CA ALA D 97 -4.36 17.89 11.14
C ALA D 97 -4.16 17.85 9.63
N ALA D 98 -3.01 18.33 9.17
CA ALA D 98 -2.70 18.35 7.76
C ALA D 98 -1.20 18.44 7.60
N ILE D 99 -0.70 17.97 6.46
CA ILE D 99 0.71 17.97 6.17
C ILE D 99 0.91 18.43 4.72
N SER D 100 1.94 19.22 4.49
CA SER D 100 2.23 19.69 3.15
C SER D 100 3.70 19.39 2.88
N MET D 101 4.02 19.09 1.63
CA MET D 101 5.37 18.76 1.23
C MET D 101 5.63 19.46 -0.07
N GLU D 102 6.76 20.14 -0.18
CA GLU D 102 7.09 20.87 -1.39
C GLU D 102 8.41 20.40 -1.94
N LYS D 103 8.74 20.84 -3.16
CA LYS D 103 9.96 20.44 -3.82
C LYS D 103 10.61 21.52 -4.72
N LEU D 104 11.89 21.78 -4.47
CA LEU D 104 12.65 22.73 -5.29
C LEU D 104 13.17 21.87 -6.46
N TYR D 105 12.67 20.63 -6.50
CA TYR D 105 13.00 19.58 -7.46
C TYR D 105 14.45 19.19 -7.69
N ALA E 1 -16.29 1.75 -23.29
CA ALA E 1 -15.45 2.57 -22.36
C ALA E 1 -14.47 3.43 -23.14
N PRO E 2 -14.24 4.67 -22.68
CA PRO E 2 -13.30 5.58 -23.34
C PRO E 2 -11.91 4.97 -23.33
N GLN E 3 -11.10 5.33 -24.33
CA GLN E 3 -9.75 4.80 -24.43
C GLN E 3 -8.72 5.88 -24.12
N SER E 4 -9.20 7.06 -23.78
CA SER E 4 -8.34 8.19 -23.51
C SER E 4 -8.90 9.02 -22.38
N ILE E 5 -8.04 9.78 -21.72
CA ILE E 5 -8.49 10.65 -20.63
C ILE E 5 -9.27 11.79 -21.25
N THR E 6 -8.89 12.18 -22.47
CA THR E 6 -9.56 13.26 -23.18
C THR E 6 -10.95 12.80 -23.56
N GLU E 7 -11.05 11.58 -24.10
CA GLU E 7 -12.32 11.00 -24.51
C GLU E 7 -13.23 10.86 -23.30
N LEU E 8 -12.63 10.52 -22.15
CA LEU E 8 -13.37 10.35 -20.92
C LEU E 8 -13.90 11.69 -20.42
N CYS E 9 -13.08 12.73 -20.52
CA CYS E 9 -13.47 14.06 -20.07
C CYS E 9 -14.65 14.58 -20.88
N SER E 10 -14.69 14.20 -22.15
CA SER E 10 -15.75 14.62 -23.07
C SER E 10 -17.13 14.14 -22.67
N GLU E 11 -17.20 13.09 -21.86
CA GLU E 11 -18.47 12.54 -21.42
C GLU E 11 -19.11 13.29 -20.26
N TYR E 12 -18.36 14.19 -19.66
CA TYR E 12 -18.86 14.93 -18.51
C TYR E 12 -19.06 16.43 -18.71
N HIS E 13 -19.97 16.99 -17.92
CA HIS E 13 -20.24 18.42 -17.95
C HIS E 13 -19.32 19.06 -16.92
N ASN E 14 -18.90 20.28 -17.17
CA ASN E 14 -18.02 21.02 -16.25
C ASN E 14 -16.63 20.44 -16.10
N THR E 15 -16.23 19.54 -17.00
CA THR E 15 -14.89 19.00 -16.92
C THR E 15 -14.03 19.71 -17.94
N GLN E 16 -12.72 19.55 -17.82
CA GLN E 16 -11.78 20.22 -18.71
C GLN E 16 -10.43 19.55 -18.55
N ILE E 17 -9.76 19.32 -19.68
CA ILE E 17 -8.44 18.69 -19.67
C ILE E 17 -7.36 19.77 -19.54
N TYR E 18 -6.43 19.53 -18.62
CA TYR E 18 -5.31 20.44 -18.40
C TYR E 18 -4.06 19.65 -18.73
N THR E 19 -3.28 20.13 -19.69
CA THR E 19 -2.05 19.44 -20.03
C THR E 19 -0.95 19.93 -19.09
N ILE E 20 -0.71 19.14 -18.04
CA ILE E 20 0.27 19.45 -17.02
C ILE E 20 1.71 19.24 -17.46
N ASN E 21 1.97 18.05 -18.00
CA ASN E 21 3.30 17.64 -18.48
C ASN E 21 4.40 18.09 -17.51
N ASP E 22 4.22 17.77 -16.24
CA ASP E 22 5.18 18.16 -15.22
C ASP E 22 4.92 17.34 -13.96
N LYS E 23 5.89 17.31 -13.05
CA LYS E 23 5.76 16.58 -11.79
C LYS E 23 5.08 17.49 -10.77
N ILE E 24 4.46 16.90 -9.75
CA ILE E 24 3.78 17.67 -8.69
C ILE E 24 4.77 18.48 -7.86
N LEU E 25 4.49 19.77 -7.72
CA LEU E 25 5.35 20.66 -6.95
C LEU E 25 5.11 20.48 -5.47
N SER E 26 3.85 20.49 -5.06
CA SER E 26 3.51 20.33 -3.66
C SER E 26 2.35 19.39 -3.43
N TYR E 27 2.42 18.63 -2.35
CA TYR E 27 1.38 17.69 -1.98
C TYR E 27 0.90 18.07 -0.59
N THR E 28 -0.38 18.36 -0.47
CA THR E 28 -0.96 18.72 0.82
C THR E 28 -2.07 17.73 1.12
N GLU E 29 -2.07 17.20 2.32
CA GLU E 29 -3.06 16.23 2.73
C GLU E 29 -3.63 16.64 4.06
N SER E 30 -4.95 16.63 4.15
CA SER E 30 -5.63 17.01 5.37
C SER E 30 -6.53 15.93 5.90
N MET E 31 -6.54 15.78 7.22
CA MET E 31 -7.38 14.81 7.87
C MET E 31 -8.28 15.56 8.85
N ALA E 32 -8.25 16.89 8.73
CA ALA E 32 -9.06 17.77 9.58
C ALA E 32 -10.53 17.54 9.26
N GLY E 33 -11.35 17.46 10.30
CA GLY E 33 -12.78 17.22 10.11
C GLY E 33 -13.46 18.10 9.09
N LYS E 34 -14.18 17.48 8.16
CA LYS E 34 -14.90 18.19 7.10
C LYS E 34 -14.01 18.71 5.97
N ARG E 35 -12.70 18.52 6.11
CA ARG E 35 -11.73 18.95 5.11
C ARG E 35 -10.73 17.83 4.82
N GLU E 36 -11.23 16.60 4.77
CA GLU E 36 -10.41 15.43 4.50
C GLU E 36 -10.17 15.43 2.97
N MET E 37 -9.14 16.13 2.54
CA MET E 37 -8.85 16.26 1.12
C MET E 37 -7.36 16.25 0.83
N VAL E 38 -7.03 16.33 -0.46
CA VAL E 38 -5.66 16.38 -0.91
C VAL E 38 -5.58 17.51 -1.91
N ILE E 39 -4.53 18.33 -1.81
CA ILE E 39 -4.34 19.45 -2.72
C ILE E 39 -2.96 19.34 -3.34
N ILE E 40 -2.89 19.43 -4.65
CA ILE E 40 -1.61 19.37 -5.34
C ILE E 40 -1.45 20.62 -6.17
N THR E 41 -0.23 21.12 -6.29
CA THR E 41 0.04 22.31 -7.09
C THR E 41 1.25 22.02 -7.96
N PHE E 42 1.35 22.75 -9.06
CA PHE E 42 2.47 22.60 -9.99
C PHE E 42 3.17 23.94 -10.08
N LYS E 43 4.42 23.96 -10.56
CA LYS E 43 5.14 25.21 -10.66
C LYS E 43 4.47 26.21 -11.60
N SER E 44 3.54 25.70 -12.41
CA SER E 44 2.78 26.51 -13.35
C SER E 44 1.80 27.40 -12.59
N GLY E 45 1.64 27.11 -11.30
CA GLY E 45 0.71 27.87 -10.47
C GLY E 45 -0.60 27.12 -10.30
N ALA E 46 -0.84 26.17 -11.18
CA ALA E 46 -2.05 25.36 -11.17
C ALA E 46 -2.23 24.63 -9.84
N THR E 47 -3.44 24.68 -9.31
CA THR E 47 -3.74 24.03 -8.05
C THR E 47 -5.00 23.20 -8.21
N PHE E 48 -4.94 21.94 -7.79
CA PHE E 48 -6.08 21.03 -7.89
C PHE E 48 -6.34 20.33 -6.58
N GLN E 49 -7.52 19.72 -6.46
CA GLN E 49 -7.88 19.01 -5.25
C GLN E 49 -8.61 17.72 -5.56
N VAL E 50 -8.68 16.85 -4.55
CA VAL E 50 -9.43 15.63 -4.65
C VAL E 50 -10.38 15.96 -3.52
N GLU E 51 -11.51 16.53 -3.86
CA GLU E 51 -12.48 16.99 -2.88
C GLU E 51 -12.99 16.01 -1.85
N VAL E 52 -13.37 16.58 -0.72
CA VAL E 52 -13.91 15.83 0.41
C VAL E 52 -15.11 15.02 -0.05
N PRO E 53 -15.10 13.71 0.25
CA PRO E 53 -16.21 12.80 -0.12
C PRO E 53 -17.51 13.38 0.41
N GLY E 54 -18.45 13.65 -0.50
CA GLY E 54 -19.72 14.21 -0.08
C GLY E 54 -20.89 13.54 -0.79
N SER E 55 -22.00 14.25 -0.85
CA SER E 55 -23.22 13.77 -1.50
C SER E 55 -23.11 13.85 -3.03
N GLN E 56 -22.18 14.66 -3.52
CA GLN E 56 -21.95 14.84 -4.95
C GLN E 56 -21.29 13.62 -5.59
N HIS E 57 -20.88 12.66 -4.76
CA HIS E 57 -20.24 11.44 -5.23
C HIS E 57 -21.18 10.26 -5.13
N ILE E 58 -21.09 9.33 -6.09
CA ILE E 58 -21.92 8.12 -6.07
C ILE E 58 -21.30 7.05 -5.18
N ASP E 59 -22.12 6.06 -4.82
CA ASP E 59 -21.73 4.98 -3.92
C ASP E 59 -20.30 4.47 -3.97
N SER E 60 -19.94 3.69 -4.98
CA SER E 60 -18.56 3.21 -5.01
C SER E 60 -17.59 4.06 -5.83
N GLN E 61 -17.82 5.37 -5.77
CA GLN E 61 -16.92 6.34 -6.37
C GLN E 61 -16.02 6.60 -5.14
N LYS E 62 -16.41 5.98 -4.02
CA LYS E 62 -15.72 6.05 -2.74
C LYS E 62 -14.32 5.47 -2.81
N LYS E 63 -14.19 4.28 -3.40
CA LYS E 63 -12.89 3.65 -3.54
C LYS E 63 -12.02 4.38 -4.55
N ALA E 64 -12.64 4.91 -5.60
CA ALA E 64 -11.92 5.63 -6.63
C ALA E 64 -11.28 6.90 -6.09
N ILE E 65 -11.97 7.55 -5.16
CA ILE E 65 -11.47 8.77 -4.55
C ILE E 65 -10.22 8.44 -3.72
N GLU E 66 -10.32 7.39 -2.91
CA GLU E 66 -9.19 6.97 -2.10
C GLU E 66 -8.01 6.58 -2.97
N ARG E 67 -8.30 5.89 -4.07
CA ARG E 67 -7.26 5.49 -4.99
C ARG E 67 -6.63 6.71 -5.64
N MET E 68 -7.43 7.71 -5.95
CA MET E 68 -6.91 8.92 -6.59
C MET E 68 -5.93 9.59 -5.64
N LYS E 69 -6.29 9.63 -4.37
CA LYS E 69 -5.43 10.24 -3.38
C LYS E 69 -4.18 9.40 -3.15
N ASP E 70 -4.30 8.09 -3.31
CA ASP E 70 -3.15 7.19 -3.16
C ASP E 70 -2.19 7.44 -4.32
N THR E 71 -2.76 7.64 -5.50
CA THR E 71 -1.98 7.87 -6.72
C THR E 71 -1.23 9.18 -6.70
N LEU E 72 -1.89 10.23 -6.22
CA LEU E 72 -1.26 11.53 -6.15
C LEU E 72 -0.08 11.52 -5.20
N ARG E 73 -0.24 10.83 -4.07
CA ARG E 73 0.85 10.76 -3.09
C ARG E 73 2.06 10.01 -3.64
N ILE E 74 1.83 8.84 -4.23
CA ILE E 74 2.93 8.05 -4.76
C ILE E 74 3.56 8.72 -5.96
N THR E 75 2.75 9.46 -6.73
CA THR E 75 3.25 10.16 -7.90
C THR E 75 4.17 11.26 -7.40
N TYR E 76 3.73 11.96 -6.35
CA TYR E 76 4.52 13.04 -5.77
C TYR E 76 5.84 12.53 -5.22
N LEU E 77 5.77 11.53 -4.34
CA LEU E 77 6.96 10.97 -3.73
C LEU E 77 7.96 10.40 -4.72
N THR E 78 7.49 9.80 -5.79
CA THR E 78 8.39 9.21 -6.79
C THR E 78 8.79 10.21 -7.86
N GLU E 79 8.36 11.46 -7.71
CA GLU E 79 8.65 12.51 -8.67
C GLU E 79 8.29 12.13 -10.12
N THR E 80 7.16 11.42 -10.26
CA THR E 80 6.66 11.00 -11.57
C THR E 80 5.94 12.15 -12.25
N LYS E 81 6.23 12.32 -13.54
CA LYS E 81 5.65 13.38 -14.36
C LYS E 81 4.20 13.05 -14.71
N ILE E 82 3.31 13.99 -14.43
CA ILE E 82 1.89 13.84 -14.74
C ILE E 82 1.66 14.47 -16.11
N ASP E 83 0.95 13.76 -16.99
CA ASP E 83 0.68 14.27 -18.32
C ASP E 83 -0.52 15.20 -18.35
N LYS E 84 -1.71 14.61 -18.24
CA LYS E 84 -2.95 15.41 -18.29
C LYS E 84 -3.79 15.18 -17.06
N LEU E 85 -4.71 16.11 -16.83
CA LEU E 85 -5.62 16.04 -15.69
C LEU E 85 -7.02 16.46 -16.13
N CYS E 86 -7.97 15.54 -16.04
CA CYS E 86 -9.34 15.86 -16.38
C CYS E 86 -9.90 16.35 -15.04
N VAL E 87 -10.34 17.60 -15.01
CA VAL E 87 -10.85 18.19 -13.77
C VAL E 87 -12.19 18.88 -13.93
N TRP E 88 -12.95 18.95 -12.84
CA TRP E 88 -14.22 19.64 -12.84
C TRP E 88 -13.89 21.09 -12.48
N ASN E 89 -14.08 22.00 -13.43
CA ASN E 89 -13.79 23.42 -13.24
C ASN E 89 -14.84 24.22 -12.46
N ASN E 90 -15.92 23.56 -12.05
CA ASN E 90 -16.96 24.22 -11.28
C ASN E 90 -16.66 24.16 -9.77
N LYS E 91 -15.42 23.85 -9.42
CA LYS E 91 -14.99 23.74 -8.03
C LYS E 91 -13.68 24.49 -7.84
N THR E 92 -13.47 25.07 -6.66
CA THR E 92 -12.24 25.79 -6.37
C THR E 92 -11.53 25.24 -5.13
N PRO E 93 -10.31 24.70 -5.30
CA PRO E 93 -9.63 24.62 -6.60
C PRO E 93 -10.25 23.52 -7.45
N ASN E 94 -9.89 23.45 -8.73
CA ASN E 94 -10.45 22.44 -9.62
C ASN E 94 -10.31 21.02 -9.07
N SER E 95 -11.43 20.30 -9.05
CA SER E 95 -11.45 18.93 -8.55
C SER E 95 -11.01 17.93 -9.62
N ILE E 96 -10.12 17.02 -9.25
CA ILE E 96 -9.59 16.02 -10.17
C ILE E 96 -10.56 14.87 -10.41
N ALA E 97 -10.83 14.62 -11.70
CA ALA E 97 -11.73 13.57 -12.13
C ALA E 97 -10.95 12.38 -12.68
N ALA E 98 -9.85 12.67 -13.35
CA ALA E 98 -9.00 11.63 -13.92
C ALA E 98 -7.61 12.18 -14.12
N ILE E 99 -6.64 11.28 -14.12
CA ILE E 99 -5.24 11.64 -14.29
C ILE E 99 -4.60 10.67 -15.28
N SER E 100 -3.73 11.19 -16.13
CA SER E 100 -3.03 10.37 -17.09
C SER E 100 -1.55 10.69 -16.96
N MET E 101 -0.72 9.67 -17.15
CA MET E 101 0.72 9.80 -17.03
C MET E 101 1.35 8.99 -18.13
N GLU E 102 2.40 9.52 -18.75
CA GLU E 102 3.08 8.74 -19.77
C GLU E 102 4.57 8.94 -19.72
N LYS E 103 5.27 7.81 -19.69
CA LYS E 103 6.72 7.83 -19.67
C LYS E 103 7.19 7.52 -21.08
N LEU E 104 7.87 8.46 -21.71
CA LEU E 104 8.41 8.22 -23.05
C LEU E 104 9.87 7.81 -22.84
N TYR E 105 10.07 6.73 -22.09
CA TYR E 105 11.38 6.16 -21.75
C TYR E 105 12.02 5.41 -22.93
#